data_9F8P
#
_entry.id   9F8P
#
_cell.length_a   54.059
_cell.length_b   69.104
_cell.length_c   54.144
_cell.angle_alpha   90.00
_cell.angle_beta   100.68
_cell.angle_gamma   90.00
#
_symmetry.space_group_name_H-M   'P 1 21 1'
#
loop_
_entity.id
_entity.type
_entity.pdbx_description
1 polymer 'Phenazine biosynthesis protein A/B'
2 non-polymer 1,2-ETHANEDIOL
3 non-polymer GLYCEROL
4 non-polymer (4-hydroxyphenyl)-[2-(4-hydroxyphenyl)-6-oxidanyl-1-benzothiophen-3-yl]methanone
5 non-polymer '2-(N-MORPHOLINO)-ETHANESULFONIC ACID'
6 water water
#
_entity_poly.entity_id   1
_entity_poly.type   'polypeptide(L)'
_entity_poly.pdbx_seq_one_letter_code
;MGSSHHHHHHSSGLVPRGSHMSDVESLENTSENRAQVAARQHNRKIVEQYMHTRGEARLKRHLLFTEDGVGGLWTTDSGQ
PIAIRGREKLGEHAVWSLQCFPDWVWTDIQIFETQDPNWFWVECRGEGAIVFPGYPRGQYRNHFLHSFRFENGLIKEQRE
FMNPCEQFRSLGIEVPEVRRDGLPS
;
_entity_poly.pdbx_strand_id   A,B
#
# COMPACT_ATOMS: atom_id res chain seq x y z
N GLU A 32 8.74 -23.11 -20.95
CA GLU A 32 8.28 -22.48 -19.73
C GLU A 32 8.62 -20.99 -19.74
N ASN A 33 9.90 -20.67 -19.96
CA ASN A 33 10.27 -19.26 -19.98
C ASN A 33 9.48 -18.51 -21.05
N ARG A 34 9.35 -19.10 -22.24
CA ARG A 34 8.62 -18.43 -23.32
C ARG A 34 7.17 -18.14 -22.93
N ALA A 35 6.51 -19.10 -22.27
CA ALA A 35 5.13 -18.88 -21.85
C ALA A 35 5.06 -17.79 -20.79
N GLN A 36 6.02 -17.77 -19.86
CA GLN A 36 6.00 -16.74 -18.83
C GLN A 36 6.26 -15.37 -19.41
N VAL A 37 7.23 -15.23 -20.31
CA VAL A 37 7.49 -13.94 -20.91
C VAL A 37 6.27 -13.42 -21.66
N ALA A 38 5.60 -14.30 -22.43
CA ALA A 38 4.41 -13.88 -23.18
C ALA A 38 3.30 -13.44 -22.25
N ALA A 39 3.09 -14.19 -21.15
CA ALA A 39 2.05 -13.82 -20.21
C ALA A 39 2.35 -12.47 -19.60
N ARG A 40 3.59 -12.25 -19.17
CA ARG A 40 3.93 -10.99 -18.54
C ARG A 40 3.76 -9.82 -19.50
N GLN A 41 4.15 -9.98 -20.76
CA GLN A 41 3.99 -8.89 -21.71
C GLN A 41 2.54 -8.55 -21.98
N HIS A 42 1.70 -9.58 -22.15
CA HIS A 42 0.27 -9.32 -22.34
C HIS A 42 -0.35 -8.70 -21.10
N ASN A 43 -0.05 -9.28 -19.93
CA ASN A 43 -0.67 -8.77 -18.71
C ASN A 43 -0.28 -7.33 -18.45
N ARG A 44 0.96 -6.95 -18.77
CA ARG A 44 1.35 -5.56 -18.59
C ARG A 44 0.48 -4.62 -19.42
N LYS A 45 0.15 -5.02 -20.67
CA LYS A 45 -0.73 -4.19 -21.49
C LYS A 45 -2.10 -4.02 -20.86
N ILE A 46 -2.62 -5.06 -20.22
CA ILE A 46 -3.93 -4.95 -19.54
C ILE A 46 -3.83 -4.00 -18.33
N VAL A 47 -2.74 -4.07 -17.55
CA VAL A 47 -2.57 -3.14 -16.44
C VAL A 47 -2.52 -1.71 -16.96
N GLU A 48 -1.73 -1.48 -18.03
CA GLU A 48 -1.68 -0.16 -18.64
C GLU A 48 -3.06 0.30 -19.05
N GLN A 49 -3.82 -0.57 -19.72
CA GLN A 49 -5.14 -0.18 -20.16
C GLN A 49 -6.04 0.17 -18.98
N TYR A 50 -6.02 -0.65 -17.93
CA TYR A 50 -6.79 -0.37 -16.73
C TYR A 50 -6.46 1.00 -16.16
N MET A 51 -5.16 1.28 -15.97
CA MET A 51 -4.77 2.51 -15.30
C MET A 51 -5.08 3.74 -16.12
N HIS A 52 -5.22 3.59 -17.43
CA HIS A 52 -5.55 4.71 -18.31
C HIS A 52 -7.01 4.77 -18.71
N THR A 53 -7.85 3.95 -18.09
CA THR A 53 -9.28 3.99 -18.42
C THR A 53 -9.93 5.16 -17.68
N ARG A 54 -10.53 6.07 -18.44
CA ARG A 54 -11.09 7.31 -17.89
C ARG A 54 -12.44 7.57 -18.53
N GLY A 55 -13.21 8.42 -17.88
CA GLY A 55 -14.47 8.87 -18.48
C GLY A 55 -15.43 7.73 -18.75
N GLU A 56 -16.16 7.85 -19.87
CA GLU A 56 -17.17 6.85 -20.18
C GLU A 56 -16.60 5.46 -20.41
N ALA A 57 -15.30 5.37 -20.77
CA ALA A 57 -14.67 4.06 -20.94
C ALA A 57 -14.69 3.24 -19.66
N ARG A 58 -14.80 3.90 -18.50
CA ARG A 58 -14.94 3.15 -17.25
C ARG A 58 -16.11 2.19 -17.28
N LEU A 59 -17.16 2.51 -18.08
CA LEU A 59 -18.29 1.62 -18.15
C LEU A 59 -17.97 0.26 -18.75
N LYS A 60 -16.83 0.11 -19.44
CA LYS A 60 -16.43 -1.16 -20.02
C LYS A 60 -15.18 -1.74 -19.36
N ARG A 61 -14.70 -1.14 -18.26
CA ARG A 61 -13.48 -1.61 -17.63
C ARG A 61 -13.63 -3.01 -17.06
N HIS A 62 -14.84 -3.41 -16.72
CA HIS A 62 -15.04 -4.74 -16.17
C HIS A 62 -14.72 -5.83 -17.17
N LEU A 63 -14.68 -5.51 -18.48
CA LEU A 63 -14.31 -6.51 -19.48
C LEU A 63 -12.82 -6.87 -19.40
N LEU A 64 -12.03 -6.16 -18.58
CA LEU A 64 -10.66 -6.54 -18.36
C LEU A 64 -10.51 -7.59 -17.26
N PHE A 65 -11.62 -8.03 -16.67
CA PHE A 65 -11.65 -9.02 -15.62
C PHE A 65 -12.17 -10.36 -16.13
N THR A 66 -11.75 -11.44 -15.42
CA THR A 66 -12.42 -12.72 -15.61
C THR A 66 -13.87 -12.62 -15.15
N GLU A 67 -14.69 -13.60 -15.57
CA GLU A 67 -16.10 -13.60 -15.22
CA GLU A 67 -16.10 -13.55 -15.22
C GLU A 67 -16.29 -13.53 -13.70
N ASP A 68 -15.46 -14.25 -12.96
CA ASP A 68 -15.49 -14.27 -11.50
C ASP A 68 -14.46 -13.34 -10.87
N GLY A 69 -13.96 -12.38 -11.64
CA GLY A 69 -12.96 -11.47 -11.11
C GLY A 69 -13.48 -10.63 -9.96
N VAL A 70 -12.56 -10.18 -9.13
CA VAL A 70 -12.83 -9.35 -7.95
C VAL A 70 -12.00 -8.07 -8.04
N GLY A 71 -12.61 -6.96 -7.69
CA GLY A 71 -11.92 -5.69 -7.56
C GLY A 71 -12.37 -4.99 -6.30
N GLY A 72 -11.69 -3.94 -5.92
CA GLY A 72 -12.20 -3.09 -4.85
C GLY A 72 -11.14 -2.46 -3.99
N LEU A 73 -11.59 -1.95 -2.87
CA LEU A 73 -10.83 -1.10 -1.97
C LEU A 73 -10.48 -1.85 -0.69
N TRP A 74 -9.19 -2.07 -0.45
CA TRP A 74 -8.77 -2.91 0.65
C TRP A 74 -8.56 -2.14 1.95
N THR A 75 -8.53 -0.83 1.91
CA THR A 75 -8.25 0.04 3.05
C THR A 75 -9.44 0.96 3.29
N THR A 76 -10.21 0.66 4.33
CA THR A 76 -11.41 1.44 4.65
C THR A 76 -11.48 1.72 6.14
N ASP A 77 -12.46 2.55 6.52
CA ASP A 77 -12.56 2.91 7.94
C ASP A 77 -12.85 1.70 8.82
N SER A 78 -13.54 0.67 8.29
CA SER A 78 -13.92 -0.47 9.10
C SER A 78 -12.78 -1.46 9.28
N GLY A 79 -11.76 -1.39 8.44
CA GLY A 79 -10.73 -2.40 8.45
C GLY A 79 -11.04 -3.62 7.62
N GLN A 80 -12.21 -3.69 7.02
CA GLN A 80 -12.50 -4.77 6.10
C GLN A 80 -12.52 -4.27 4.66
N PRO A 81 -12.09 -5.08 3.70
CA PRO A 81 -12.15 -4.65 2.31
C PRO A 81 -13.58 -4.49 1.82
N ILE A 82 -13.75 -3.59 0.86
CA ILE A 82 -14.99 -3.50 0.07
C ILE A 82 -14.67 -4.16 -1.25
N ALA A 83 -15.02 -5.43 -1.36
CA ALA A 83 -14.72 -6.24 -2.52
C ALA A 83 -15.95 -6.36 -3.39
N ILE A 84 -15.76 -6.11 -4.67
CA ILE A 84 -16.83 -6.17 -5.68
C ILE A 84 -16.59 -7.46 -6.47
N ARG A 85 -17.52 -8.41 -6.37
CA ARG A 85 -17.27 -9.78 -6.82
C ARG A 85 -18.05 -10.09 -8.09
N GLY A 86 -17.32 -10.36 -9.14
CA GLY A 86 -17.90 -10.82 -10.37
C GLY A 86 -17.99 -9.70 -11.39
N ARG A 87 -17.78 -10.06 -12.65
CA ARG A 87 -17.79 -9.09 -13.72
C ARG A 87 -19.10 -8.31 -13.79
N GLU A 88 -20.24 -8.95 -13.54
CA GLU A 88 -21.50 -8.20 -13.59
C GLU A 88 -21.58 -7.13 -12.50
N LYS A 89 -21.22 -7.47 -11.24
CA LYS A 89 -21.21 -6.47 -10.17
C LYS A 89 -20.12 -5.41 -10.39
N LEU A 90 -18.98 -5.78 -10.97
CA LEU A 90 -17.99 -4.76 -11.31
C LEU A 90 -18.56 -3.74 -12.29
N GLY A 91 -19.28 -4.21 -13.30
CA GLY A 91 -19.91 -3.30 -14.24
C GLY A 91 -20.95 -2.38 -13.60
N GLU A 92 -21.70 -2.89 -12.63
CA GLU A 92 -22.65 -2.05 -11.91
C GLU A 92 -21.94 -1.00 -11.06
N HIS A 93 -20.83 -1.38 -10.40
CA HIS A 93 -20.06 -0.44 -9.59
C HIS A 93 -19.52 0.69 -10.45
N ALA A 94 -19.16 0.41 -11.70
CA ALA A 94 -18.65 1.48 -12.56
C ALA A 94 -19.69 2.56 -12.78
N VAL A 95 -20.97 2.17 -12.91
CA VAL A 95 -22.03 3.15 -13.04
C VAL A 95 -22.02 4.11 -11.84
N TRP A 96 -21.92 3.54 -10.65
CA TRP A 96 -21.87 4.35 -9.45
C TRP A 96 -20.64 5.26 -9.48
N SER A 97 -19.47 4.70 -9.81
N SER A 97 -19.48 4.70 -9.81
CA SER A 97 -18.21 5.43 -9.87
CA SER A 97 -18.25 5.48 -9.82
C SER A 97 -18.27 6.65 -10.77
C SER A 97 -18.37 6.70 -10.72
N LEU A 98 -18.99 6.54 -11.89
CA LEU A 98 -19.12 7.67 -12.82
C LEU A 98 -19.91 8.82 -12.19
N GLN A 99 -20.82 8.55 -11.27
CA GLN A 99 -21.53 9.63 -10.61
C GLN A 99 -20.75 10.21 -9.45
N CYS A 100 -20.10 9.37 -8.66
CA CYS A 100 -19.49 9.80 -7.42
C CYS A 100 -18.03 10.22 -7.55
N PHE A 101 -17.36 9.79 -8.62
CA PHE A 101 -16.01 10.23 -8.97
C PHE A 101 -16.03 10.60 -10.44
N PRO A 102 -16.74 11.67 -10.80
CA PRO A 102 -17.08 11.90 -12.22
C PRO A 102 -15.90 12.17 -13.13
N ASP A 103 -14.79 12.70 -12.61
CA ASP A 103 -13.65 13.12 -13.44
C ASP A 103 -12.36 12.45 -13.00
N TRP A 104 -12.44 11.30 -12.33
CA TRP A 104 -11.28 10.69 -11.71
C TRP A 104 -10.21 10.35 -12.71
N VAL A 105 -8.97 10.65 -12.32
CA VAL A 105 -7.80 10.21 -13.08
C VAL A 105 -6.77 9.60 -12.13
N TRP A 106 -6.06 8.60 -12.64
CA TRP A 106 -4.83 8.11 -12.04
C TRP A 106 -3.65 8.82 -12.68
N THR A 107 -2.68 9.24 -11.86
CA THR A 107 -1.53 10.01 -12.31
C THR A 107 -0.26 9.39 -11.72
N ASP A 108 0.90 9.84 -12.21
CA ASP A 108 2.20 9.40 -11.66
C ASP A 108 2.27 7.87 -11.64
N ILE A 109 1.85 7.25 -12.74
CA ILE A 109 1.67 5.80 -12.79
C ILE A 109 3.02 5.12 -12.98
N GLN A 110 3.36 4.22 -12.05
CA GLN A 110 4.56 3.38 -12.13
C GLN A 110 4.13 1.92 -12.01
N ILE A 111 4.32 1.16 -13.07
CA ILE A 111 3.92 -0.24 -13.11
C ILE A 111 5.13 -1.13 -12.81
N PHE A 112 4.95 -2.05 -11.87
CA PHE A 112 5.99 -3.01 -11.50
C PHE A 112 5.58 -4.41 -11.91
N GLU A 113 6.37 -5.00 -12.82
CA GLU A 113 6.31 -6.43 -13.04
C GLU A 113 6.92 -7.11 -11.84
N THR A 114 6.65 -8.40 -11.68
CA THR A 114 7.28 -9.18 -10.63
C THR A 114 7.79 -10.49 -11.19
N GLN A 115 8.40 -11.31 -10.33
CA GLN A 115 8.84 -12.64 -10.74
C GLN A 115 7.68 -13.55 -11.11
N ASP A 116 6.45 -13.19 -10.69
CA ASP A 116 5.25 -13.91 -11.07
C ASP A 116 4.68 -13.20 -12.30
N PRO A 117 4.65 -13.84 -13.48
CA PRO A 117 4.16 -13.14 -14.67
C PRO A 117 2.71 -12.72 -14.56
N ASN A 118 1.98 -13.30 -13.62
CA ASN A 118 0.58 -13.00 -13.39
C ASN A 118 0.33 -12.09 -12.20
N TRP A 119 1.34 -11.39 -11.69
CA TRP A 119 1.16 -10.49 -10.56
C TRP A 119 1.96 -9.22 -10.79
N PHE A 120 1.24 -8.09 -10.79
CA PHE A 120 1.80 -6.76 -10.94
C PHE A 120 1.40 -5.89 -9.75
N TRP A 121 2.21 -4.90 -9.49
CA TRP A 121 1.94 -3.83 -8.53
C TRP A 121 2.02 -2.50 -9.28
N VAL A 122 1.19 -1.53 -8.87
CA VAL A 122 1.24 -0.19 -9.41
C VAL A 122 1.29 0.80 -8.27
N GLU A 123 2.21 1.74 -8.34
CA GLU A 123 2.22 2.92 -7.46
C GLU A 123 1.75 4.11 -8.29
N CYS A 124 0.83 4.87 -7.75
CA CYS A 124 0.31 6.03 -8.45
C CYS A 124 -0.33 7.00 -7.47
N ARG A 125 -0.79 8.11 -8.01
CA ARG A 125 -1.71 8.99 -7.30
C ARG A 125 -3.02 8.99 -8.07
N GLY A 126 -4.07 9.47 -7.40
CA GLY A 126 -5.35 9.66 -8.04
C GLY A 126 -5.99 10.94 -7.55
N GLU A 127 -6.83 11.53 -8.39
CA GLU A 127 -7.49 12.74 -8.00
C GLU A 127 -8.77 12.98 -8.79
N GLY A 128 -9.67 13.71 -8.18
CA GLY A 128 -10.90 14.11 -8.84
C GLY A 128 -11.90 14.63 -7.84
N ALA A 129 -12.99 15.16 -8.38
CA ALA A 129 -14.13 15.53 -7.55
C ALA A 129 -14.66 14.29 -6.82
N ILE A 130 -15.13 14.47 -5.59
CA ILE A 130 -15.81 13.43 -4.85
C ILE A 130 -17.22 13.90 -4.54
N VAL A 131 -18.20 13.13 -5.01
CA VAL A 131 -19.63 13.47 -4.90
C VAL A 131 -20.32 12.31 -4.21
N PHE A 132 -20.10 12.19 -2.93
CA PHE A 132 -20.63 11.08 -2.16
C PHE A 132 -22.00 11.42 -1.61
N PRO A 133 -22.88 10.45 -1.58
CA PRO A 133 -24.26 10.74 -1.11
C PRO A 133 -24.27 11.29 0.30
N GLY A 134 -24.93 12.43 0.47
CA GLY A 134 -25.08 13.01 1.79
C GLY A 134 -23.88 13.72 2.34
N TYR A 135 -22.85 13.95 1.53
CA TYR A 135 -21.70 14.74 1.94
C TYR A 135 -21.56 15.91 0.99
N PRO A 136 -20.95 17.01 1.43
CA PRO A 136 -20.70 18.12 0.50
C PRO A 136 -19.77 17.68 -0.62
N ARG A 137 -20.02 18.18 -1.82
CA ARG A 137 -19.10 17.96 -2.92
C ARG A 137 -17.71 18.42 -2.53
N GLY A 138 -16.70 17.62 -2.87
CA GLY A 138 -15.34 17.96 -2.53
C GLY A 138 -14.35 17.62 -3.60
N GLN A 139 -13.08 17.79 -3.26
CA GLN A 139 -11.95 17.40 -4.11
C GLN A 139 -11.14 16.39 -3.32
N TYR A 140 -10.87 15.25 -3.93
CA TYR A 140 -10.16 14.15 -3.31
C TYR A 140 -8.87 13.88 -4.07
N ARG A 141 -7.77 13.83 -3.32
CA ARG A 141 -6.46 13.47 -3.86
C ARG A 141 -5.85 12.45 -2.90
N ASN A 142 -5.22 11.41 -3.45
CA ASN A 142 -4.58 10.43 -2.59
C ASN A 142 -3.46 9.72 -3.32
N HIS A 143 -2.63 9.02 -2.57
CA HIS A 143 -1.61 8.12 -3.06
C HIS A 143 -2.17 6.72 -2.99
N PHE A 144 -1.90 5.92 -4.01
CA PHE A 144 -2.45 4.58 -4.09
C PHE A 144 -1.39 3.55 -4.44
N LEU A 145 -1.60 2.34 -3.96
CA LEU A 145 -0.94 1.13 -4.48
C LEU A 145 -2.04 0.21 -4.98
N HIS A 146 -1.83 -0.37 -6.16
CA HIS A 146 -2.72 -1.37 -6.70
C HIS A 146 -2.00 -2.70 -6.84
N SER A 147 -2.70 -3.79 -6.57
CA SER A 147 -2.28 -5.15 -6.85
C SER A 147 -3.16 -5.72 -7.96
N PHE A 148 -2.55 -6.31 -8.98
CA PHE A 148 -3.25 -6.97 -10.09
C PHE A 148 -2.77 -8.41 -10.21
N ARG A 149 -3.67 -9.36 -10.03
CA ARG A 149 -3.38 -10.78 -10.27
C ARG A 149 -4.22 -11.26 -11.45
N PHE A 150 -3.60 -12.00 -12.36
CA PHE A 150 -4.14 -12.42 -13.64
C PHE A 150 -4.41 -13.90 -13.70
N GLU A 151 -5.41 -14.26 -14.52
CA GLU A 151 -5.68 -15.65 -14.90
C GLU A 151 -6.11 -15.65 -16.36
N ASN A 152 -5.40 -16.41 -17.19
CA ASN A 152 -5.76 -16.58 -18.60
C ASN A 152 -6.00 -15.25 -19.29
N GLY A 153 -5.11 -14.29 -19.03
CA GLY A 153 -5.03 -13.06 -19.78
C GLY A 153 -5.92 -11.94 -19.31
N LEU A 154 -6.68 -12.13 -18.23
CA LEU A 154 -7.55 -11.11 -17.68
C LEU A 154 -7.32 -10.99 -16.17
N ILE A 155 -7.84 -9.92 -15.59
CA ILE A 155 -7.65 -9.66 -14.16
C ILE A 155 -8.57 -10.59 -13.36
N LYS A 156 -7.95 -11.41 -12.50
CA LYS A 156 -8.70 -12.21 -11.52
C LYS A 156 -8.93 -11.48 -10.21
N GLU A 157 -7.98 -10.64 -9.79
CA GLU A 157 -8.09 -9.88 -8.55
C GLU A 157 -7.35 -8.56 -8.64
N GLN A 158 -8.09 -7.47 -8.51
CA GLN A 158 -7.55 -6.13 -8.35
C GLN A 158 -7.84 -5.66 -6.92
N ARG A 159 -6.83 -5.06 -6.28
CA ARG A 159 -6.98 -4.50 -4.94
C ARG A 159 -6.31 -3.14 -4.90
N GLU A 160 -6.98 -2.15 -4.35
CA GLU A 160 -6.36 -0.86 -4.14
C GLU A 160 -6.22 -0.51 -2.66
N PHE A 161 -5.07 0.11 -2.35
CA PHE A 161 -4.65 0.42 -0.99
C PHE A 161 -4.32 1.91 -0.91
N MET A 162 -4.90 2.61 0.04
CA MET A 162 -4.65 4.02 0.27
C MET A 162 -4.71 4.32 1.76
N ASN A 163 -4.49 5.61 2.09
CA ASN A 163 -4.67 6.10 3.44
C ASN A 163 -6.09 6.69 3.55
N PRO A 164 -7.03 6.04 4.25
CA PRO A 164 -8.40 6.57 4.30
C PRO A 164 -8.49 7.94 4.92
N CYS A 165 -7.53 8.38 5.72
CA CYS A 165 -7.58 9.71 6.33
C CYS A 165 -7.72 10.80 5.27
N GLU A 166 -7.12 10.60 4.08
CA GLU A 166 -7.25 11.62 3.05
C GLU A 166 -8.64 11.62 2.45
N GLN A 167 -9.30 10.47 2.40
CA GLN A 167 -10.70 10.47 1.93
C GLN A 167 -11.61 11.10 2.97
N PHE A 168 -11.35 10.84 4.27
CA PHE A 168 -12.07 11.55 5.31
C PHE A 168 -11.99 13.07 5.11
N ARG A 169 -10.76 13.59 4.91
CA ARG A 169 -10.60 15.03 4.73
C ARG A 169 -11.42 15.53 3.54
N SER A 170 -11.42 14.79 2.43
CA SER A 170 -12.14 15.22 1.23
C SER A 170 -13.63 15.32 1.47
N LEU A 171 -14.15 14.57 2.44
CA LEU A 171 -15.57 14.52 2.78
C LEU A 171 -15.91 15.42 3.94
N GLY A 172 -14.95 16.16 4.47
CA GLY A 172 -15.14 17.01 5.62
C GLY A 172 -15.28 16.31 6.94
N ILE A 173 -14.84 15.04 7.01
CA ILE A 173 -14.91 14.24 8.21
C ILE A 173 -13.65 14.52 9.03
N GLU A 174 -13.82 14.80 10.32
N GLU A 174 -13.81 14.74 10.33
CA GLU A 174 -12.67 15.04 11.19
CA GLU A 174 -12.66 15.07 11.19
C GLU A 174 -11.80 13.79 11.25
C GLU A 174 -11.80 13.83 11.42
N VAL A 175 -10.49 13.99 11.18
CA VAL A 175 -9.52 12.90 11.28
C VAL A 175 -8.94 12.94 12.68
N PRO A 176 -8.93 11.86 13.44
CA PRO A 176 -8.27 11.91 14.75
C PRO A 176 -6.77 12.07 14.60
N GLU A 177 -6.18 12.55 15.67
CA GLU A 177 -4.77 12.87 15.69
C GLU A 177 -4.13 12.07 16.81
N VAL A 178 -3.12 11.29 16.48
CA VAL A 178 -2.32 10.64 17.51
C VAL A 178 -1.48 11.71 18.21
N ARG A 179 -1.54 11.73 19.54
CA ARG A 179 -0.79 12.73 20.30
C ARG A 179 0.69 12.39 20.21
N ARG A 180 1.52 13.37 19.84
CA ARG A 180 2.93 13.09 19.55
C ARG A 180 3.88 13.66 20.58
N ASP A 181 3.37 14.24 21.67
CA ASP A 181 4.24 14.92 22.61
C ASP A 181 5.31 14.00 23.15
N GLY A 182 4.95 12.75 23.40
CA GLY A 182 5.88 11.86 24.04
C GLY A 182 6.75 11.14 23.09
N LEU A 183 6.55 11.36 21.79
CA LEU A 183 7.28 10.71 20.72
C LEU A 183 8.48 11.56 20.32
N PRO A 184 9.60 10.93 20.02
CA PRO A 184 10.77 11.70 19.56
C PRO A 184 10.47 12.46 18.28
N SER A 185 10.83 13.72 18.28
CA SER A 185 10.63 14.61 17.15
C SER A 185 11.94 15.34 16.94
N GLU B 32 25.58 -6.01 -18.96
CA GLU B 32 24.43 -5.35 -18.34
C GLU B 32 23.56 -6.36 -17.61
N ASN B 33 23.15 -7.43 -18.30
CA ASN B 33 22.28 -8.42 -17.66
C ASN B 33 22.98 -9.04 -16.45
N ARG B 34 24.27 -9.37 -16.59
CA ARG B 34 25.02 -9.95 -15.47
C ARG B 34 24.99 -9.05 -14.26
N ALA B 35 25.23 -7.76 -14.47
CA ALA B 35 25.23 -6.83 -13.35
C ALA B 35 23.83 -6.71 -12.73
N GLN B 36 22.78 -6.71 -13.55
CA GLN B 36 21.44 -6.57 -13.01
C GLN B 36 21.03 -7.80 -12.23
N VAL B 37 21.33 -8.99 -12.76
CA VAL B 37 21.00 -10.23 -12.05
C VAL B 37 21.72 -10.27 -10.70
N ALA B 38 23.02 -9.95 -10.66
CA ALA B 38 23.76 -9.97 -9.41
C ALA B 38 23.16 -9.00 -8.40
N ALA B 39 22.80 -7.80 -8.85
CA ALA B 39 22.22 -6.82 -7.94
C ALA B 39 20.91 -7.33 -7.37
N ARG B 40 20.05 -7.89 -8.22
CA ARG B 40 18.74 -8.33 -7.74
C ARG B 40 18.89 -9.43 -6.71
N GLN B 41 19.81 -10.37 -6.93
N GLN B 41 19.77 -10.40 -6.97
CA GLN B 41 19.95 -11.50 -6.01
CA GLN B 41 19.97 -11.49 -6.01
C GLN B 41 20.52 -11.06 -4.66
C GLN B 41 20.43 -10.94 -4.66
N HIS B 42 21.48 -10.12 -4.65
CA HIS B 42 21.97 -9.58 -3.40
C HIS B 42 20.91 -8.75 -2.69
N ASN B 43 20.22 -7.88 -3.43
CA ASN B 43 19.22 -7.00 -2.81
C ASN B 43 18.07 -7.81 -2.20
N ARG B 44 17.67 -8.90 -2.87
CA ARG B 44 16.66 -9.77 -2.28
C ARG B 44 17.08 -10.28 -0.91
N LYS B 45 18.34 -10.67 -0.75
CA LYS B 45 18.78 -11.15 0.57
C LYS B 45 18.70 -10.08 1.64
N ILE B 46 18.99 -8.83 1.29
CA ILE B 46 18.86 -7.73 2.24
C ILE B 46 17.37 -7.53 2.62
N VAL B 47 16.45 -7.58 1.64
CA VAL B 47 15.02 -7.45 1.98
C VAL B 47 14.61 -8.56 2.93
N GLU B 48 15.01 -9.80 2.63
CA GLU B 48 14.69 -10.91 3.51
C GLU B 48 15.23 -10.66 4.91
N GLN B 49 16.48 -10.23 5.01
CA GLN B 49 17.05 -9.96 6.31
C GLN B 49 16.28 -8.88 7.06
N TYR B 50 15.95 -7.79 6.37
CA TYR B 50 15.19 -6.71 7.00
C TYR B 50 13.86 -7.23 7.53
N MET B 51 13.12 -7.98 6.71
CA MET B 51 11.78 -8.41 7.12
C MET B 51 11.82 -9.40 8.26
N HIS B 52 12.91 -10.16 8.40
CA HIS B 52 13.03 -11.12 9.50
C HIS B 52 13.70 -10.55 10.74
N THR B 53 14.11 -9.28 10.73
CA THR B 53 14.78 -8.69 11.87
C THR B 53 13.79 -8.42 12.99
N ARG B 54 14.08 -8.94 14.18
CA ARG B 54 13.21 -8.68 15.32
C ARG B 54 14.04 -8.71 16.58
N GLY B 55 13.39 -8.36 17.67
CA GLY B 55 14.04 -8.33 18.96
C GLY B 55 15.22 -7.39 18.96
N GLU B 56 16.26 -7.79 19.68
CA GLU B 56 17.41 -6.92 19.84
C GLU B 56 18.16 -6.66 18.55
N ALA B 57 18.02 -7.55 17.55
CA ALA B 57 18.65 -7.33 16.24
C ALA B 57 18.15 -6.04 15.60
N ARG B 58 16.97 -5.54 15.98
N ARG B 58 16.99 -5.55 16.01
CA ARG B 58 16.52 -4.27 15.42
CA ARG B 58 16.48 -4.30 15.46
C ARG B 58 17.51 -3.15 15.67
C ARG B 58 17.42 -3.14 15.73
N LEU B 59 18.30 -3.25 16.75
CA LEU B 59 19.25 -2.18 17.05
C LEU B 59 20.34 -2.05 15.99
N LYS B 60 20.52 -3.04 15.13
CA LYS B 60 21.51 -2.98 14.07
C LYS B 60 20.89 -2.97 12.67
N ARG B 61 19.57 -2.88 12.56
CA ARG B 61 18.91 -2.90 11.25
C ARG B 61 19.33 -1.72 10.39
N HIS B 62 19.71 -0.59 11.01
CA HIS B 62 20.13 0.57 10.23
C HIS B 62 21.39 0.32 9.44
N LEU B 63 22.15 -0.73 9.76
CA LEU B 63 23.34 -1.05 8.99
C LEU B 63 22.98 -1.62 7.60
N LEU B 64 21.69 -1.91 7.36
CA LEU B 64 21.24 -2.34 6.05
C LEU B 64 20.98 -1.17 5.12
N PHE B 65 21.19 0.08 5.59
CA PHE B 65 20.92 1.28 4.81
C PHE B 65 22.23 1.95 4.39
N THR B 66 22.16 2.74 3.32
CA THR B 66 23.23 3.66 2.96
C THR B 66 23.35 4.75 4.05
N GLU B 67 24.50 5.44 4.08
CA GLU B 67 24.69 6.45 5.12
C GLU B 67 23.59 7.51 5.10
N ASP B 68 23.12 7.88 3.91
CA ASP B 68 22.04 8.85 3.74
C ASP B 68 20.69 8.19 3.52
N GLY B 69 20.57 6.91 3.83
CA GLY B 69 19.32 6.21 3.58
C GLY B 69 18.16 6.77 4.40
N VAL B 70 16.95 6.56 3.88
CA VAL B 70 15.72 7.03 4.51
C VAL B 70 14.80 5.84 4.75
N GLY B 71 14.10 5.85 5.89
CA GLY B 71 13.08 4.87 6.18
C GLY B 71 11.89 5.56 6.82
N GLY B 72 10.78 4.86 6.96
CA GLY B 72 9.69 5.40 7.76
C GLY B 72 8.32 4.98 7.27
N LEU B 73 7.34 5.71 7.81
CA LEU B 73 5.92 5.38 7.65
C LEU B 73 5.24 6.43 6.77
N TRP B 74 4.76 5.98 5.61
CA TRP B 74 4.22 6.91 4.62
C TRP B 74 2.72 7.21 4.77
N THR B 75 2.02 6.52 5.65
CA THR B 75 0.58 6.61 5.84
C THR B 75 0.31 6.93 7.30
N THR B 76 -0.07 8.19 7.54
CA THR B 76 -0.30 8.66 8.91
C THR B 76 -1.56 9.52 8.95
N ASP B 77 -1.95 9.89 10.17
CA ASP B 77 -3.17 10.69 10.33
C ASP B 77 -3.03 12.05 9.67
N SER B 78 -1.82 12.59 9.58
CA SER B 78 -1.69 13.93 9.03
C SER B 78 -1.69 13.96 7.52
N GLY B 79 -1.46 12.81 6.88
CA GLY B 79 -1.26 12.76 5.46
C GLY B 79 0.16 13.02 5.01
N GLN B 80 1.06 13.34 5.93
CA GLN B 80 2.46 13.48 5.58
C GLN B 80 3.27 12.29 6.08
N PRO B 81 4.27 11.83 5.34
CA PRO B 81 5.11 10.73 5.84
C PRO B 81 5.88 11.15 7.08
N ILE B 82 6.17 10.15 7.92
CA ILE B 82 7.15 10.30 9.02
C ILE B 82 8.42 9.63 8.50
N ALA B 83 9.30 10.44 7.94
CA ALA B 83 10.51 9.96 7.31
C ALA B 83 11.69 10.14 8.25
N ILE B 84 12.48 9.09 8.39
CA ILE B 84 13.65 9.09 9.27
C ILE B 84 14.87 9.14 8.35
N ARG B 85 15.66 10.20 8.41
CA ARG B 85 16.66 10.53 7.40
C ARG B 85 18.07 10.33 7.89
N GLY B 86 18.73 9.33 7.35
CA GLY B 86 20.13 9.12 7.64
C GLY B 86 20.31 7.91 8.53
N ARG B 87 21.38 7.17 8.26
CA ARG B 87 21.63 5.96 9.00
C ARG B 87 21.73 6.23 10.51
N GLU B 88 22.29 7.38 10.92
CA GLU B 88 22.36 7.70 12.34
C GLU B 88 20.98 7.87 12.98
N LYS B 89 20.11 8.68 12.37
CA LYS B 89 18.76 8.84 12.91
C LYS B 89 17.98 7.52 12.83
N LEU B 90 18.23 6.70 11.81
CA LEU B 90 17.58 5.40 11.76
C LEU B 90 17.95 4.53 12.95
N GLY B 91 19.25 4.52 13.31
CA GLY B 91 19.66 3.78 14.49
C GLY B 91 19.06 4.34 15.77
N GLU B 92 18.94 5.66 15.87
CA GLU B 92 18.29 6.25 17.03
C GLU B 92 16.81 5.86 17.10
N HIS B 93 16.13 5.85 15.95
CA HIS B 93 14.71 5.49 15.91
C HIS B 93 14.50 4.05 16.38
N ALA B 94 15.44 3.15 16.09
CA ALA B 94 15.28 1.76 16.52
C ALA B 94 15.19 1.67 18.05
N VAL B 95 15.92 2.51 18.75
CA VAL B 95 15.85 2.48 20.22
C VAL B 95 14.44 2.77 20.68
N TRP B 96 13.82 3.77 20.07
CA TRP B 96 12.44 4.10 20.39
C TRP B 96 11.50 2.94 20.04
N SER B 97 11.68 2.37 18.84
CA SER B 97 10.88 1.24 18.39
C SER B 97 10.89 0.09 19.38
N LEU B 98 12.05 -0.17 20.01
CA LEU B 98 12.12 -1.24 20.98
C LEU B 98 11.29 -0.96 22.23
N GLN B 99 11.07 0.31 22.58
CA GLN B 99 10.19 0.60 23.72
C GLN B 99 8.72 0.56 23.33
N CYS B 100 8.36 1.12 22.19
CA CYS B 100 6.96 1.33 21.86
C CYS B 100 6.33 0.22 21.03
N PHE B 101 7.14 -0.59 20.35
CA PHE B 101 6.70 -1.82 19.69
C PHE B 101 7.64 -2.92 20.14
N PRO B 102 7.58 -3.31 21.43
CA PRO B 102 8.66 -4.12 22.02
C PRO B 102 8.81 -5.51 21.46
N ASP B 103 7.77 -6.10 20.88
CA ASP B 103 7.81 -7.48 20.40
C ASP B 103 7.33 -7.61 18.95
N TRP B 104 7.53 -6.59 18.14
CA TRP B 104 6.98 -6.56 16.80
C TRP B 104 7.52 -7.67 15.92
N VAL B 105 6.61 -8.29 15.15
CA VAL B 105 6.97 -9.34 14.18
C VAL B 105 6.27 -9.04 12.86
N TRP B 106 6.99 -9.14 11.78
CA TRP B 106 6.40 -9.19 10.43
C TRP B 106 6.09 -10.63 10.07
N THR B 107 4.87 -10.90 9.62
CA THR B 107 4.40 -12.22 9.26
C THR B 107 3.90 -12.24 7.83
N ASP B 108 3.62 -13.45 7.30
CA ASP B 108 2.99 -13.58 5.98
C ASP B 108 3.74 -12.81 4.91
N ILE B 109 5.06 -12.91 4.94
CA ILE B 109 5.90 -12.11 4.07
C ILE B 109 5.90 -12.66 2.65
N GLN B 110 5.61 -11.80 1.69
CA GLN B 110 5.73 -12.11 0.27
C GLN B 110 6.57 -11.01 -0.38
N ILE B 111 7.71 -11.39 -0.90
CA ILE B 111 8.66 -10.46 -1.50
C ILE B 111 8.48 -10.48 -3.00
N PHE B 112 8.36 -9.30 -3.59
CA PHE B 112 8.25 -9.12 -5.04
C PHE B 112 9.48 -8.41 -5.60
N GLU B 113 10.22 -9.14 -6.42
CA GLU B 113 11.21 -8.51 -7.27
C GLU B 113 10.48 -7.76 -8.36
N THR B 114 11.18 -6.84 -9.01
CA THR B 114 10.59 -6.07 -10.10
C THR B 114 11.55 -6.02 -11.28
N GLN B 115 11.12 -5.37 -12.36
CA GLN B 115 12.02 -5.16 -13.49
C GLN B 115 13.21 -4.29 -13.14
N ASP B 116 13.11 -3.51 -12.07
CA ASP B 116 14.24 -2.72 -11.58
C ASP B 116 14.96 -3.58 -10.56
N PRO B 117 16.20 -4.01 -10.82
CA PRO B 117 16.88 -4.87 -9.82
C PRO B 117 17.07 -4.18 -8.48
N ASN B 118 16.95 -2.87 -8.44
CA ASN B 118 17.15 -2.11 -7.22
C ASN B 118 15.82 -1.68 -6.58
N TRP B 119 14.67 -2.28 -6.96
CA TRP B 119 13.37 -1.92 -6.37
C TRP B 119 12.59 -3.18 -6.09
N PHE B 120 12.22 -3.35 -4.82
CA PHE B 120 11.41 -4.46 -4.37
C PHE B 120 10.15 -3.92 -3.67
N TRP B 121 9.11 -4.74 -3.67
CA TRP B 121 7.92 -4.52 -2.87
C TRP B 121 7.69 -5.74 -2.00
N VAL B 122 7.13 -5.53 -0.82
CA VAL B 122 6.78 -6.61 0.09
C VAL B 122 5.35 -6.41 0.56
N GLU B 123 4.56 -7.47 0.47
CA GLU B 123 3.25 -7.53 1.12
C GLU B 123 3.37 -8.42 2.34
N CYS B 124 2.88 -7.95 3.48
CA CYS B 124 2.99 -8.72 4.72
C CYS B 124 1.94 -8.27 5.71
N ARG B 125 1.95 -8.89 6.88
CA ARG B 125 1.24 -8.41 8.05
C ARG B 125 2.26 -8.14 9.14
N GLY B 126 1.85 -7.41 10.15
CA GLY B 126 2.66 -7.13 11.32
C GLY B 126 1.81 -7.22 12.55
N GLU B 127 2.44 -7.57 13.66
CA GLU B 127 1.72 -7.65 14.93
C GLU B 127 2.64 -7.46 16.11
N GLY B 128 2.09 -6.88 17.17
CA GLY B 128 2.78 -6.77 18.43
C GLY B 128 2.08 -5.83 19.37
N ALA B 129 2.55 -5.82 20.61
CA ALA B 129 2.10 -4.82 21.57
C ALA B 129 2.41 -3.41 21.03
N ILE B 130 1.53 -2.46 21.34
CA ILE B 130 1.77 -1.05 21.08
C ILE B 130 1.76 -0.33 22.42
N VAL B 131 2.85 0.34 22.71
CA VAL B 131 3.06 0.97 24.00
C VAL B 131 3.43 2.42 23.75
N PHE B 132 2.46 3.21 23.33
CA PHE B 132 2.65 4.61 22.98
C PHE B 132 2.51 5.50 24.21
N PRO B 133 3.31 6.55 24.27
CA PRO B 133 3.28 7.41 25.45
C PRO B 133 1.91 8.03 25.64
N GLY B 134 1.36 7.85 26.85
CA GLY B 134 0.09 8.45 27.20
C GLY B 134 -1.12 7.76 26.64
N TYR B 135 -0.98 6.56 26.09
CA TYR B 135 -2.10 5.75 25.63
C TYR B 135 -2.11 4.46 26.42
N PRO B 136 -3.27 3.80 26.57
CA PRO B 136 -3.25 2.48 27.19
C PRO B 136 -2.45 1.51 26.33
N ARG B 137 -1.74 0.59 26.99
CA ARG B 137 -1.08 -0.49 26.25
C ARG B 137 -2.12 -1.24 25.43
N GLY B 138 -1.76 -1.56 24.19
CA GLY B 138 -2.68 -2.24 23.30
C GLY B 138 -1.98 -3.36 22.54
N GLN B 139 -2.76 -4.05 21.71
N GLN B 139 -2.77 -4.04 21.70
CA GLN B 139 -2.25 -5.03 20.77
CA GLN B 139 -2.26 -5.04 20.76
C GLN B 139 -2.59 -4.50 19.39
C GLN B 139 -2.60 -4.56 19.35
N TYR B 140 -1.58 -4.41 18.53
CA TYR B 140 -1.73 -3.83 17.18
C TYR B 140 -1.47 -4.92 16.16
N ARG B 141 -2.41 -5.06 15.23
CA ARG B 141 -2.28 -5.93 14.07
C ARG B 141 -2.65 -5.12 12.84
N ASN B 142 -1.86 -5.27 11.77
CA ASN B 142 -2.20 -4.58 10.53
C ASN B 142 -1.61 -5.30 9.33
N HIS B 143 -2.14 -4.95 8.17
CA HIS B 143 -1.61 -5.32 6.86
C HIS B 143 -0.68 -4.22 6.37
N PHE B 144 0.44 -4.60 5.78
CA PHE B 144 1.41 -3.65 5.31
C PHE B 144 1.88 -3.93 3.89
N LEU B 145 2.25 -2.85 3.22
CA LEU B 145 3.09 -2.90 2.01
C LEU B 145 4.37 -2.14 2.29
N HIS B 146 5.51 -2.71 1.90
CA HIS B 146 6.79 -2.01 1.98
C HIS B 146 7.39 -1.84 0.59
N SER B 147 8.03 -0.69 0.39
CA SER B 147 8.85 -0.39 -0.79
C SER B 147 10.31 -0.32 -0.36
N PHE B 148 11.20 -1.01 -1.07
CA PHE B 148 12.64 -0.97 -0.82
C PHE B 148 13.37 -0.59 -2.09
N ARG B 149 14.09 0.53 -2.07
CA ARG B 149 14.94 0.95 -3.17
C ARG B 149 16.39 0.93 -2.72
N PHE B 150 17.26 0.39 -3.56
CA PHE B 150 18.66 0.10 -3.25
C PHE B 150 19.61 0.97 -4.03
N GLU B 151 20.77 1.20 -3.40
CA GLU B 151 21.92 1.82 -4.05
C GLU B 151 23.19 1.12 -3.55
N ASN B 152 23.98 0.57 -4.47
CA ASN B 152 25.27 -0.04 -4.16
C ASN B 152 25.15 -1.04 -3.01
N GLY B 153 24.11 -1.87 -3.05
CA GLY B 153 24.02 -3.02 -2.19
C GLY B 153 23.35 -2.79 -0.87
N LEU B 154 22.88 -1.58 -0.59
CA LEU B 154 22.18 -1.27 0.65
C LEU B 154 20.90 -0.47 0.35
N ILE B 155 20.06 -0.36 1.36
CA ILE B 155 18.77 0.30 1.22
C ILE B 155 18.96 1.82 1.22
N LYS B 156 18.57 2.46 0.13
CA LYS B 156 18.52 3.92 0.02
C LYS B 156 17.20 4.49 0.51
N GLU B 157 16.10 3.77 0.28
CA GLU B 157 14.78 4.24 0.72
C GLU B 157 13.87 3.07 1.03
N GLN B 158 13.43 3.01 2.27
CA GLN B 158 12.39 2.11 2.74
C GLN B 158 11.15 2.95 3.08
N ARG B 159 9.99 2.47 2.66
CA ARG B 159 8.72 3.11 2.96
C ARG B 159 7.71 2.03 3.34
N GLU B 160 6.95 2.24 4.40
CA GLU B 160 5.86 1.33 4.76
C GLU B 160 4.51 2.04 4.68
N PHE B 161 3.52 1.29 4.20
CA PHE B 161 2.17 1.78 3.94
C PHE B 161 1.16 0.85 4.62
N MET B 162 0.23 1.42 5.36
CA MET B 162 -0.79 0.68 6.05
C MET B 162 -2.04 1.54 6.13
N ASN B 163 -3.07 0.97 6.75
CA ASN B 163 -4.31 1.68 7.01
C ASN B 163 -4.25 2.22 8.43
N PRO B 164 -4.07 3.54 8.63
CA PRO B 164 -3.92 4.03 10.00
C PRO B 164 -5.12 3.74 10.88
N CYS B 165 -6.31 3.49 10.31
CA CYS B 165 -7.49 3.24 11.14
C CYS B 165 -7.28 2.06 12.08
N GLU B 166 -6.48 1.05 11.66
CA GLU B 166 -6.21 -0.07 12.56
C GLU B 166 -5.29 0.32 13.70
N GLN B 167 -4.37 1.25 13.46
CA GLN B 167 -3.52 1.74 14.54
C GLN B 167 -4.34 2.60 15.51
N PHE B 168 -5.26 3.42 14.99
CA PHE B 168 -6.18 4.15 15.87
C PHE B 168 -6.90 3.19 16.80
N ARG B 169 -7.48 2.10 16.25
CA ARG B 169 -8.20 1.13 17.07
C ARG B 169 -7.31 0.56 18.16
N SER B 170 -6.06 0.23 17.82
CA SER B 170 -5.15 -0.37 18.80
C SER B 170 -4.83 0.58 19.95
N LEU B 171 -4.95 1.89 19.73
CA LEU B 171 -4.69 2.94 20.71
C LEU B 171 -5.96 3.41 21.44
N GLY B 172 -7.13 2.85 21.12
CA GLY B 172 -8.37 3.27 21.71
C GLY B 172 -8.92 4.56 21.16
N ILE B 173 -8.41 5.01 20.02
CA ILE B 173 -8.87 6.22 19.36
C ILE B 173 -10.08 5.87 18.49
N GLU B 174 -11.16 6.67 18.61
CA GLU B 174 -12.36 6.47 17.82
C GLU B 174 -12.08 6.71 16.34
N VAL B 175 -12.52 5.79 15.49
CA VAL B 175 -12.37 5.89 14.06
C VAL B 175 -13.66 6.42 13.48
N PRO B 176 -13.65 7.48 12.67
CA PRO B 176 -14.90 7.92 12.07
C PRO B 176 -15.38 6.91 11.04
N GLU B 177 -16.65 6.98 10.76
CA GLU B 177 -17.31 6.04 9.89
C GLU B 177 -17.93 6.83 8.76
N VAL B 178 -17.53 6.52 7.53
CA VAL B 178 -18.23 7.06 6.37
C VAL B 178 -19.64 6.46 6.33
N ARG B 179 -20.63 7.33 6.22
CA ARG B 179 -22.04 6.89 6.15
C ARG B 179 -22.27 6.20 4.81
N ARG B 180 -22.82 4.97 4.86
CA ARG B 180 -22.94 4.14 3.67
C ARG B 180 -24.38 4.03 3.17
N ASP B 181 -25.31 4.71 3.79
CA ASP B 181 -26.71 4.50 3.47
C ASP B 181 -27.00 4.75 2.00
N GLY B 182 -26.37 5.77 1.43
CA GLY B 182 -26.64 6.17 0.07
C GLY B 182 -25.88 5.40 -0.96
N LEU B 183 -25.01 4.49 -0.52
CA LEU B 183 -24.13 3.76 -1.42
C LEU B 183 -24.75 2.41 -1.74
N PRO B 184 -24.56 1.91 -2.95
CA PRO B 184 -25.11 0.59 -3.27
C PRO B 184 -24.46 -0.47 -2.41
N SER B 185 -25.28 -1.38 -1.90
CA SER B 185 -24.83 -2.49 -1.08
C SER B 185 -25.57 -3.76 -1.50
#